data_3SWF
#
_entry.id   3SWF
#
_cell.length_a   32.010
_cell.length_b   76.710
_cell.length_c   113.110
_cell.angle_alpha   90.000
_cell.angle_beta   90.000
_cell.angle_gamma   90.000
#
_symmetry.space_group_name_H-M   'P 21 21 21'
#
loop_
_entity.id
_entity.type
_entity.pdbx_description
1 polymer 'cGMP-gated cation channel alpha-1'
2 non-polymer 'ZINC ION'
3 water water
#
_entity_poly.entity_id   1
_entity_poly.type   'polypeptide(L)'
_entity_poly.pdbx_seq_one_letter_code
;GAMGLEEKVTRMESSVDLLQTRFARILAEYESMQQKLKQRLTKVEKFLKPLIDTEFSAIEGSGTESGPTDSTQD
;
_entity_poly.pdbx_strand_id   A,B,C
#
loop_
_chem_comp.id
_chem_comp.type
_chem_comp.name
_chem_comp.formula
ZN non-polymer 'ZINC ION' 'Zn 2'
#
# COMPACT_ATOMS: atom_id res chain seq x y z
N GLY A 4 -32.79 6.54 -22.93
CA GLY A 4 -32.02 7.27 -21.95
C GLY A 4 -31.10 6.34 -21.19
N LEU A 5 -31.52 5.09 -21.05
CA LEU A 5 -30.73 4.10 -20.33
C LEU A 5 -29.43 3.77 -21.06
N GLU A 6 -29.54 3.56 -22.38
CA GLU A 6 -28.35 3.26 -23.16
C GLU A 6 -27.36 4.42 -23.10
N GLU A 7 -27.89 5.65 -23.12
CA GLU A 7 -27.05 6.83 -22.95
C GLU A 7 -26.34 6.80 -21.60
N LYS A 8 -27.11 6.56 -20.54
CA LYS A 8 -26.53 6.47 -19.19
C LYS A 8 -25.43 5.42 -19.09
N VAL A 9 -25.65 4.24 -19.64
CA VAL A 9 -24.65 3.16 -19.58
C VAL A 9 -23.41 3.47 -20.43
N THR A 10 -23.61 4.15 -21.55
CA THR A 10 -22.48 4.54 -22.39
C THR A 10 -21.56 5.49 -21.63
N ARG A 11 -22.15 6.49 -20.99
CA ARG A 11 -21.41 7.45 -20.15
C ARG A 11 -20.74 6.75 -18.97
N MET A 12 -21.45 5.83 -18.33
CA MET A 12 -20.92 5.13 -17.18
C MET A 12 -19.62 4.41 -17.51
N GLU A 13 -19.52 3.90 -18.74
CA GLU A 13 -18.28 3.26 -19.21
C GLU A 13 -17.07 4.18 -19.08
N SER A 14 -17.19 5.38 -19.64
CA SER A 14 -16.10 6.36 -19.52
C SER A 14 -15.86 6.75 -18.07
N SER A 15 -16.91 6.78 -17.26
CA SER A 15 -16.76 7.16 -15.84
C SER A 15 -15.97 6.11 -15.10
N VAL A 16 -16.29 4.86 -15.37
CA VAL A 16 -15.56 3.77 -14.73
C VAL A 16 -14.11 3.73 -15.21
N ASP A 17 -13.88 4.07 -16.48
CA ASP A 17 -12.53 4.19 -17.01
C ASP A 17 -11.75 5.29 -16.27
N LEU A 18 -12.40 6.41 -16.04
CA LEU A 18 -11.79 7.53 -15.33
C LEU A 18 -11.40 7.09 -13.91
N LEU A 19 -12.32 6.41 -13.24
CA LEU A 19 -12.06 5.86 -11.92
C LEU A 19 -10.84 4.95 -11.89
N GLN A 20 -10.74 4.03 -12.86
CA GLN A 20 -9.60 3.11 -12.87
C GLN A 20 -8.28 3.86 -13.04
N THR A 21 -8.27 4.85 -13.93
CA THR A 21 -7.08 5.69 -14.11
C THR A 21 -6.66 6.40 -12.83
N ARG A 22 -7.63 6.98 -12.10
CA ARG A 22 -7.34 7.59 -10.80
C ARG A 22 -6.76 6.54 -9.87
N PHE A 23 -7.44 5.40 -9.77
CA PHE A 23 -7.02 4.35 -8.87
C PHE A 23 -5.60 3.91 -9.20
N ALA A 24 -5.34 3.71 -10.48
CA ALA A 24 -4.03 3.21 -10.91
C ALA A 24 -2.90 4.12 -10.43
N ARG A 25 -3.11 5.43 -10.55
CA ARG A 25 -2.10 6.41 -10.14
C ARG A 25 -1.95 6.42 -8.61
N ILE A 26 -3.06 6.49 -7.89
CA ILE A 26 -2.97 6.45 -6.44
C ILE A 26 -2.23 5.21 -5.95
N LEU A 27 -2.48 4.06 -6.58
CA LEU A 27 -1.81 2.83 -6.20
C LEU A 27 -0.33 2.88 -6.57
N ALA A 28 -0.05 3.35 -7.77
CA ALA A 28 1.33 3.44 -8.22
C ALA A 28 2.19 4.26 -7.25
N GLU A 29 1.66 5.40 -6.81
CA GLU A 29 2.32 6.25 -5.83
C GLU A 29 2.48 5.57 -4.48
N TYR A 30 1.46 4.86 -4.01
CA TYR A 30 1.59 4.14 -2.74
C TYR A 30 2.68 3.09 -2.84
N GLU A 31 2.69 2.34 -3.93
CA GLU A 31 3.69 1.30 -4.14
C GLU A 31 5.10 1.82 -4.31
N SER A 32 5.24 2.94 -5.01
CA SER A 32 6.55 3.55 -5.16
C SER A 32 7.11 3.92 -3.79
N MET A 33 6.26 4.51 -2.93
CA MET A 33 6.71 4.86 -1.57
C MET A 33 7.00 3.61 -0.73
N GLN A 34 6.14 2.59 -0.84
CA GLN A 34 6.39 1.31 -0.18
C GLN A 34 7.76 0.78 -0.56
N GLN A 35 8.07 0.89 -1.86
CA GLN A 35 9.35 0.47 -2.41
C GLN A 35 10.54 1.21 -1.76
N LYS A 36 10.40 2.52 -1.60
CA LYS A 36 11.45 3.30 -0.96
C LYS A 36 11.65 2.95 0.51
N LEU A 37 10.56 2.73 1.25
CA LEU A 37 10.69 2.30 2.64
C LEU A 37 11.42 0.97 2.73
N LYS A 38 11.10 0.03 1.83
CA LYS A 38 11.80 -1.27 1.84
C LYS A 38 13.29 -1.13 1.57
N GLN A 39 13.65 -0.29 0.60
CA GLN A 39 15.05 -0.05 0.27
C GLN A 39 15.80 0.56 1.46
N ARG A 40 15.21 1.60 2.05
CA ARG A 40 15.76 2.22 3.25
C ARG A 40 15.89 1.22 4.41
N LEU A 41 14.84 0.44 4.62
CA LEU A 41 14.85 -0.54 5.69
C LEU A 41 15.95 -1.56 5.46
N THR A 42 16.07 -2.01 4.21
CA THR A 42 17.09 -3.01 3.86
C THR A 42 18.51 -2.50 4.08
N LYS A 43 18.75 -1.23 3.76
CA LYS A 43 20.06 -0.63 4.03
C LYS A 43 20.35 -0.59 5.54
N VAL A 44 19.33 -0.33 6.35
CA VAL A 44 19.52 -0.28 7.78
C VAL A 44 19.87 -1.67 8.28
N GLU A 45 19.13 -2.68 7.82
CA GLU A 45 19.43 -4.05 8.22
C GLU A 45 20.83 -4.50 7.82
N LYS A 46 21.29 -4.14 6.62
CA LYS A 46 22.64 -4.48 6.17
C LYS A 46 23.70 -3.78 7.01
N PHE A 47 23.48 -2.51 7.31
CA PHE A 47 24.41 -1.75 8.12
C PHE A 47 24.56 -2.40 9.50
N LEU A 48 23.42 -2.82 10.07
CA LEU A 48 23.41 -3.40 11.43
C LEU A 48 23.78 -4.88 11.51
N LYS A 49 23.80 -5.57 10.37
CA LYS A 49 24.09 -7.01 10.36
C LYS A 49 25.33 -7.42 11.20
N PRO A 50 26.48 -6.74 11.00
CA PRO A 50 27.68 -7.03 11.81
C PRO A 50 27.49 -6.83 13.32
N LEU A 51 26.71 -5.84 13.72
CA LEU A 51 26.44 -5.60 15.14
C LEU A 51 25.51 -6.69 15.65
N ILE A 52 24.46 -6.99 14.88
CA ILE A 52 23.57 -8.09 15.22
C ILE A 52 24.35 -9.37 15.43
N ASP A 53 25.22 -9.69 14.48
CA ASP A 53 25.97 -10.95 14.56
C ASP A 53 26.96 -10.96 15.72
N THR A 54 27.51 -9.78 16.04
CA THR A 54 28.41 -9.66 17.18
C THR A 54 27.69 -10.07 18.47
N GLU A 55 26.40 -9.76 18.55
CA GLU A 55 25.65 -10.06 19.78
C GLU A 55 25.25 -11.52 19.91
N PHE A 56 25.01 -12.20 18.79
CA PHE A 56 24.38 -13.53 18.81
C PHE A 56 25.18 -14.70 18.19
N SER A 57 26.16 -14.41 17.34
CA SER A 57 26.83 -15.48 16.58
C SER A 57 28.34 -15.53 16.77
N ALA A 58 28.84 -16.61 17.36
CA ALA A 58 30.28 -16.75 17.58
C ALA A 58 31.04 -17.02 16.29
N ILE A 59 32.36 -17.04 16.38
CA ILE A 59 33.24 -17.32 15.23
C ILE A 59 33.01 -16.34 14.06
N MET B 3 -30.14 -4.34 -29.10
CA MET B 3 -28.90 -5.11 -29.12
C MET B 3 -27.77 -4.32 -28.45
N GLY B 4 -27.61 -3.07 -28.85
CA GLY B 4 -26.60 -2.17 -28.30
C GLY B 4 -26.65 -2.06 -26.78
N LEU B 5 -27.83 -1.76 -26.23
CA LEU B 5 -28.00 -1.61 -24.79
C LEU B 5 -27.54 -2.86 -24.03
N GLU B 6 -28.20 -3.99 -24.31
CA GLU B 6 -27.89 -5.24 -23.65
C GLU B 6 -26.41 -5.59 -23.71
N GLU B 7 -25.79 -5.32 -24.85
CA GLU B 7 -24.37 -5.59 -25.04
C GLU B 7 -23.49 -4.75 -24.10
N LYS B 8 -23.83 -3.47 -23.96
CA LYS B 8 -23.16 -2.59 -23.01
C LYS B 8 -23.36 -3.05 -21.56
N VAL B 9 -24.59 -3.42 -21.22
CA VAL B 9 -24.83 -3.88 -19.86
C VAL B 9 -23.97 -5.10 -19.56
N THR B 10 -23.98 -6.08 -20.49
CA THR B 10 -23.16 -7.28 -20.34
C THR B 10 -21.66 -6.98 -20.15
N ARG B 11 -21.10 -6.14 -21.02
CA ARG B 11 -19.69 -5.74 -20.93
C ARG B 11 -19.41 -5.01 -19.61
N MET B 12 -20.35 -4.15 -19.20
CA MET B 12 -20.16 -3.37 -17.99
C MET B 12 -20.13 -4.28 -16.76
N GLU B 13 -21.02 -5.28 -16.74
CA GLU B 13 -21.05 -6.23 -15.64
C GLU B 13 -19.66 -6.81 -15.44
N SER B 14 -19.06 -7.19 -16.56
CA SER B 14 -17.78 -7.88 -16.55
C SER B 14 -16.65 -6.97 -16.07
N SER B 15 -16.64 -5.74 -16.59
CA SER B 15 -15.67 -4.73 -16.13
C SER B 15 -15.72 -4.46 -14.63
N VAL B 16 -16.94 -4.30 -14.11
CA VAL B 16 -17.12 -4.04 -12.70
C VAL B 16 -16.67 -5.24 -11.85
N ASP B 17 -17.01 -6.46 -12.27
CA ASP B 17 -16.51 -7.66 -11.59
C ASP B 17 -14.98 -7.65 -11.55
N LEU B 18 -14.36 -7.35 -12.68
CA LEU B 18 -12.90 -7.36 -12.78
C LEU B 18 -12.27 -6.33 -11.86
N LEU B 19 -12.84 -5.14 -11.84
CA LEU B 19 -12.43 -4.08 -10.95
C LEU B 19 -12.43 -4.58 -9.51
N GLN B 20 -13.55 -5.15 -9.07
CA GLN B 20 -13.69 -5.62 -7.69
C GLN B 20 -12.72 -6.73 -7.30
N THR B 21 -12.49 -7.66 -8.22
CA THR B 21 -11.53 -8.74 -8.01
C THR B 21 -10.09 -8.23 -7.98
N ARG B 22 -9.73 -7.43 -8.98
CA ARG B 22 -8.40 -6.85 -9.05
C ARG B 22 -8.05 -6.21 -7.70
N PHE B 23 -9.00 -5.45 -7.15
CA PHE B 23 -8.71 -4.70 -5.94
C PHE B 23 -8.71 -5.52 -4.65
N ALA B 24 -9.56 -6.53 -4.57
CA ALA B 24 -9.47 -7.48 -3.46
C ALA B 24 -8.07 -8.13 -3.45
N ARG B 25 -7.50 -8.30 -4.64
CA ARG B 25 -6.19 -8.92 -4.79
C ARG B 25 -5.06 -7.96 -4.41
N ILE B 26 -5.15 -6.71 -4.86
CA ILE B 26 -4.20 -5.69 -4.46
C ILE B 26 -4.21 -5.45 -2.95
N LEU B 27 -5.40 -5.33 -2.38
CA LEU B 27 -5.57 -5.18 -0.94
C LEU B 27 -4.90 -6.31 -0.15
N ALA B 28 -4.95 -7.54 -0.66
CA ALA B 28 -4.32 -8.64 0.04
C ALA B 28 -2.79 -8.53 0.01
N GLU B 29 -2.25 -8.03 -1.10
CA GLU B 29 -0.79 -7.88 -1.22
C GLU B 29 -0.27 -6.77 -0.32
N TYR B 30 -1.07 -5.73 -0.14
CA TYR B 30 -0.69 -4.60 0.70
C TYR B 30 -0.62 -5.00 2.16
N GLU B 31 -1.71 -5.59 2.67
CA GLU B 31 -1.77 -6.02 4.07
C GLU B 31 -0.56 -6.91 4.36
N SER B 32 -0.21 -7.75 3.40
CA SER B 32 0.90 -8.67 3.53
C SER B 32 2.23 -7.92 3.55
N MET B 33 2.45 -7.05 2.59
CA MET B 33 3.73 -6.34 2.55
C MET B 33 3.88 -5.38 3.74
N GLN B 34 2.78 -4.79 4.18
CA GLN B 34 2.82 -3.87 5.32
C GLN B 34 3.10 -4.58 6.63
N GLN B 35 2.51 -5.76 6.83
CA GLN B 35 2.80 -6.54 8.03
C GLN B 35 4.27 -6.92 8.09
N LYS B 36 4.81 -7.38 6.97
CA LYS B 36 6.22 -7.73 6.89
C LYS B 36 7.14 -6.54 7.18
N LEU B 37 6.83 -5.39 6.59
CA LEU B 37 7.60 -4.17 6.87
C LEU B 37 7.57 -3.81 8.34
N LYS B 38 6.40 -3.90 8.95
CA LYS B 38 6.24 -3.59 10.37
C LYS B 38 7.06 -4.51 11.26
N GLN B 39 7.04 -5.80 10.96
CA GLN B 39 7.79 -6.78 11.73
C GLN B 39 9.29 -6.51 11.63
N ARG B 40 9.76 -6.25 10.42
CA ARG B 40 11.17 -5.95 10.20
C ARG B 40 11.60 -4.70 10.94
N LEU B 41 10.78 -3.65 10.86
CA LEU B 41 11.12 -2.41 11.53
C LEU B 41 11.16 -2.64 13.04
N THR B 42 10.16 -3.35 13.55
CA THR B 42 10.07 -3.63 14.99
C THR B 42 11.30 -4.39 15.53
N LYS B 43 11.79 -5.40 14.80
CA LYS B 43 13.02 -6.09 15.19
C LYS B 43 14.22 -5.14 15.27
N VAL B 44 14.37 -4.30 14.24
CA VAL B 44 15.42 -3.28 14.23
C VAL B 44 15.32 -2.40 15.46
N GLU B 45 14.16 -1.81 15.69
CA GLU B 45 13.98 -0.91 16.82
C GLU B 45 14.28 -1.59 18.15
N LYS B 46 13.81 -2.83 18.31
CA LYS B 46 13.95 -3.54 19.58
C LYS B 46 15.38 -3.95 19.84
N PHE B 47 16.18 -4.03 18.79
CA PHE B 47 17.58 -4.38 18.93
C PHE B 47 18.38 -3.13 19.20
N LEU B 48 18.04 -2.07 18.49
CA LEU B 48 18.87 -0.87 18.48
C LEU B 48 18.79 -0.07 19.79
N LYS B 49 17.59 0.07 20.37
CA LYS B 49 17.48 0.88 21.59
C LYS B 49 18.38 0.44 22.75
N PRO B 50 18.30 -0.85 23.16
CA PRO B 50 19.16 -1.28 24.26
C PRO B 50 20.65 -1.29 23.89
N LEU B 51 20.96 -1.46 22.60
CA LEU B 51 22.35 -1.48 22.17
C LEU B 51 22.93 -0.07 22.26
N ILE B 52 22.18 0.90 21.79
CA ILE B 52 22.60 2.28 21.96
C ILE B 52 22.82 2.54 23.44
N ASP B 53 21.81 2.16 24.25
CA ASP B 53 21.86 2.48 25.67
C ASP B 53 23.11 1.95 26.33
N THR B 54 23.55 0.76 25.91
CA THR B 54 24.60 0.10 26.67
C THR B 54 25.99 0.22 26.04
N GLU B 55 26.08 0.48 24.75
CA GLU B 55 27.37 0.50 24.08
C GLU B 55 27.69 1.79 23.33
N PHE B 56 26.66 2.52 22.92
CA PHE B 56 26.85 3.69 22.08
C PHE B 56 25.95 4.80 22.57
N SER B 57 26.06 5.07 23.87
CA SER B 57 25.07 5.85 24.60
C SER B 57 24.86 7.30 24.15
N ALA B 58 25.93 7.95 23.69
CA ALA B 58 25.82 9.36 23.28
C ALA B 58 25.16 9.53 21.91
N ILE B 59 24.91 8.43 21.21
CA ILE B 59 24.22 8.49 19.92
C ILE B 59 22.81 9.11 20.05
N GLU B 60 22.22 8.97 21.24
CA GLU B 60 20.96 9.64 21.53
C GLU B 60 21.19 11.11 21.92
N GLY C 4 -36.07 -4.41 -15.37
CA GLY C 4 -35.14 -5.44 -15.81
C GLY C 4 -33.72 -4.93 -15.92
N LEU C 5 -33.41 -4.29 -17.05
CA LEU C 5 -32.09 -3.74 -17.30
C LEU C 5 -31.82 -2.46 -16.48
N GLU C 6 -32.87 -1.68 -16.23
CA GLU C 6 -32.76 -0.49 -15.40
C GLU C 6 -32.29 -0.84 -13.98
N GLU C 7 -32.91 -1.84 -13.38
CA GLU C 7 -32.53 -2.28 -12.04
C GLU C 7 -31.10 -2.84 -12.04
N LYS C 8 -30.71 -3.52 -13.12
CA LYS C 8 -29.37 -4.07 -13.20
C LYS C 8 -28.30 -2.97 -13.27
N VAL C 9 -28.58 -1.96 -14.09
CA VAL C 9 -27.70 -0.80 -14.21
C VAL C 9 -27.61 -0.02 -12.90
N THR C 10 -28.75 0.14 -12.23
CA THR C 10 -28.78 0.78 -10.93
C THR C 10 -27.87 0.04 -9.96
N ARG C 11 -27.91 -1.28 -10.03
CA ARG C 11 -27.14 -2.11 -9.13
C ARG C 11 -25.64 -2.01 -9.42
N MET C 12 -25.27 -1.85 -10.69
CA MET C 12 -23.88 -1.62 -11.08
C MET C 12 -23.38 -0.25 -10.64
N GLU C 13 -24.24 0.78 -10.73
CA GLU C 13 -23.86 2.10 -10.21
C GLU C 13 -23.53 2.03 -8.72
N SER C 14 -24.33 1.28 -7.98
CA SER C 14 -24.13 1.15 -6.54
C SER C 14 -22.87 0.38 -6.22
N SER C 15 -22.57 -0.63 -7.03
CA SER C 15 -21.35 -1.41 -6.83
C SER C 15 -20.13 -0.53 -6.98
N VAL C 16 -20.11 0.27 -8.04
CA VAL C 16 -19.00 1.18 -8.28
C VAL C 16 -18.90 2.17 -7.13
N ASP C 17 -20.04 2.71 -6.73
CA ASP C 17 -20.10 3.64 -5.60
C ASP C 17 -19.46 3.00 -4.37
N LEU C 18 -19.90 1.80 -4.01
CA LEU C 18 -19.37 1.12 -2.84
C LEU C 18 -17.87 0.86 -2.98
N LEU C 19 -17.47 0.42 -4.16
CA LEU C 19 -16.07 0.11 -4.43
C LEU C 19 -15.19 1.34 -4.29
N GLN C 20 -15.63 2.45 -4.86
CA GLN C 20 -14.90 3.70 -4.74
C GLN C 20 -14.78 4.10 -3.28
N THR C 21 -15.84 3.90 -2.52
CA THR C 21 -15.82 4.27 -1.11
C THR C 21 -14.87 3.36 -0.32
N ARG C 22 -14.93 2.06 -0.59
CA ARG C 22 -14.00 1.14 0.04
C ARG C 22 -12.55 1.53 -0.26
N PHE C 23 -12.30 1.91 -1.51
CA PHE C 23 -10.97 2.28 -1.96
C PHE C 23 -10.48 3.51 -1.19
N ALA C 24 -11.25 4.58 -1.26
CA ALA C 24 -10.90 5.82 -0.56
C ALA C 24 -10.55 5.59 0.92
N ARG C 25 -11.40 4.87 1.65
CA ARG C 25 -11.20 4.66 3.08
C ARG C 25 -10.04 3.72 3.38
N ILE C 26 -9.98 2.61 2.64
CA ILE C 26 -8.93 1.63 2.87
C ILE C 26 -7.54 2.15 2.47
N LEU C 27 -7.44 2.79 1.31
CA LEU C 27 -6.17 3.40 0.93
C LEU C 27 -5.73 4.51 1.89
N ALA C 28 -6.69 5.24 2.45
CA ALA C 28 -6.39 6.27 3.45
C ALA C 28 -5.78 5.62 4.69
N GLU C 29 -6.31 4.49 5.10
CA GLU C 29 -5.79 3.78 6.25
C GLU C 29 -4.39 3.20 5.97
N TYR C 30 -4.15 2.76 4.75
CA TYR C 30 -2.80 2.28 4.40
C TYR C 30 -1.77 3.42 4.31
N GLU C 31 -2.18 4.55 3.72
CA GLU C 31 -1.30 5.72 3.61
C GLU C 31 -0.93 6.29 4.97
N SER C 32 -1.89 6.28 5.89
CA SER C 32 -1.65 6.78 7.25
C SER C 32 -0.65 5.90 7.98
N MET C 33 -0.81 4.59 7.83
CA MET C 33 0.12 3.65 8.45
C MET C 33 1.51 3.74 7.81
N GLN C 34 1.55 3.97 6.50
CA GLN C 34 2.80 4.13 5.79
C GLN C 34 3.57 5.34 6.32
N GLN C 35 2.86 6.44 6.56
CA GLN C 35 3.48 7.63 7.15
C GLN C 35 4.10 7.33 8.51
N LYS C 36 3.39 6.60 9.35
CA LYS C 36 3.93 6.23 10.65
C LYS C 36 5.20 5.38 10.51
N LEU C 37 5.18 4.43 9.56
CA LEU C 37 6.39 3.64 9.30
C LEU C 37 7.56 4.53 8.84
N LYS C 38 7.29 5.48 7.95
CA LYS C 38 8.33 6.43 7.53
C LYS C 38 8.92 7.17 8.71
N GLN C 39 8.05 7.65 9.60
CA GLN C 39 8.50 8.42 10.77
C GLN C 39 9.38 7.57 11.66
N ARG C 40 8.93 6.34 11.92
CA ARG C 40 9.72 5.42 12.73
C ARG C 40 11.06 5.12 12.08
N LEU C 41 11.07 4.91 10.77
CA LEU C 41 12.31 4.60 10.07
C LEU C 41 13.28 5.80 10.10
N THR C 42 12.72 7.00 9.97
CA THR C 42 13.53 8.22 10.04
C THR C 42 14.24 8.41 11.39
N LYS C 43 13.53 8.16 12.49
CA LYS C 43 14.17 8.12 13.82
C LYS C 43 15.36 7.17 13.82
N VAL C 44 15.09 5.92 13.47
CA VAL C 44 16.15 4.90 13.43
C VAL C 44 17.37 5.35 12.63
N GLU C 45 17.15 5.89 11.44
CA GLU C 45 18.24 6.37 10.58
C GLU C 45 19.02 7.53 11.16
N LYS C 46 18.33 8.38 11.94
CA LYS C 46 18.96 9.52 12.55
C LYS C 46 20.06 9.06 13.52
N PHE C 47 19.82 7.95 14.23
CA PHE C 47 20.83 7.35 15.11
C PHE C 47 22.09 6.95 14.34
N LEU C 48 21.93 6.55 13.08
CA LEU C 48 23.03 5.91 12.37
C LEU C 48 23.75 6.83 11.38
N LYS C 49 23.31 8.09 11.30
CA LYS C 49 23.95 9.05 10.42
C LYS C 49 25.14 9.60 11.17
N PRO C 50 26.18 10.04 10.43
CA PRO C 50 26.27 10.00 8.97
C PRO C 50 26.81 8.67 8.45
N LEU C 51 27.06 7.72 9.34
CA LEU C 51 27.68 6.44 8.98
C LEU C 51 26.90 5.68 7.91
N ILE C 52 25.59 5.64 8.04
CA ILE C 52 24.80 4.81 7.13
C ILE C 52 24.83 5.35 5.69
N ASP C 53 24.72 6.67 5.55
CA ASP C 53 24.84 7.32 4.25
C ASP C 53 26.18 7.04 3.56
N THR C 54 27.28 7.22 4.29
CA THR C 54 28.59 6.88 3.77
C THR C 54 28.64 5.41 3.34
ZN ZN D . 27.96 -6.04 22.35
ZN ZN E . -20.94 -10.49 -12.60
#